data_5C83
#
_entry.id   5C83
#
_cell.length_a   71.145
_cell.length_b   71.145
_cell.length_c   106.403
_cell.angle_alpha   90.00
_cell.angle_beta   90.00
_cell.angle_gamma   90.00
#
_symmetry.space_group_name_H-M   'P 41 2 2'
#
loop_
_entity.id
_entity.type
_entity.pdbx_description
1 polymer 'E3 ubiquitin-protein ligase XIAP'
2 non-polymer 'ZINC ION'
3 non-polymer (2R,5R)-4-[2-(6-benzyl-3,3-dimethyl-2,3-dihydro-1H-pyrrolo[3,2-c]pyridin-1-yl)-2-oxoethyl]-5-(methoxymethyl)-2-methylpiperazin-1-ium
4 water water
#
_entity_poly.entity_id   1
_entity_poly.type   'polypeptide(L)'
_entity_poly.pdbx_seq_one_letter_code
;GSHMNFPNSTNLPRNPSMADYEARIFTFGTWIYSVNKEQLARAGFYALGEGDKVKCFHCGGGLTDWKPSEDPWEQHAKWY
PGCKYLLEQKGQEYINNIHLTHSLEECLVR
;
_entity_poly.pdbx_strand_id   A
#
# COMPACT_ATOMS: atom_id res chain seq x y z
N MET A 4 -5.88 -14.36 -7.97
CA MET A 4 -5.40 -13.10 -7.32
C MET A 4 -3.93 -13.15 -6.84
N ASN A 5 -3.48 -14.35 -6.44
CA ASN A 5 -2.13 -14.61 -5.85
C ASN A 5 -2.03 -14.24 -4.39
N PHE A 6 -1.51 -15.16 -3.59
CA PHE A 6 -1.49 -14.96 -2.14
C PHE A 6 -0.53 -13.85 -1.73
N PRO A 7 -0.83 -13.16 -0.61
CA PRO A 7 0.07 -12.10 -0.15
C PRO A 7 1.34 -12.68 0.53
N ASN A 8 2.48 -12.05 0.28
CA ASN A 8 3.72 -12.42 0.96
C ASN A 8 3.72 -11.90 2.39
N SER A 9 3.76 -12.84 3.34
CA SER A 9 3.87 -12.50 4.76
C SER A 9 5.22 -12.81 5.38
N THR A 10 6.24 -13.09 4.56
CA THR A 10 7.60 -13.30 5.11
C THR A 10 8.31 -11.96 5.24
N ASN A 11 9.45 -11.96 5.94
CA ASN A 11 10.30 -10.76 6.10
C ASN A 11 11.14 -10.43 4.88
N LEU A 12 11.00 -11.22 3.83
CA LEU A 12 11.74 -11.01 2.58
C LEU A 12 10.81 -10.48 1.47
N PRO A 13 11.23 -9.37 0.83
CA PRO A 13 10.37 -8.75 -0.18
C PRO A 13 10.18 -9.64 -1.40
N ARG A 14 8.98 -9.63 -1.95
CA ARG A 14 8.65 -10.37 -3.15
C ARG A 14 9.31 -9.75 -4.40
N ASN A 15 9.40 -8.43 -4.44
CA ASN A 15 10.07 -7.73 -5.53
C ASN A 15 11.28 -6.91 -5.04
N PRO A 16 12.45 -7.55 -4.84
CA PRO A 16 13.64 -6.82 -4.35
C PRO A 16 14.15 -5.70 -5.28
N SER A 17 13.90 -5.79 -6.60
CA SER A 17 14.29 -4.73 -7.53
C SER A 17 13.58 -3.39 -7.25
N MET A 18 12.45 -3.48 -6.55
CA MET A 18 11.67 -2.32 -6.11
C MET A 18 11.84 -2.01 -4.61
N ALA A 19 12.88 -2.57 -3.96
CA ALA A 19 13.14 -2.28 -2.54
C ALA A 19 13.55 -0.84 -2.24
N ASP A 20 14.16 -0.15 -3.21
CA ASP A 20 14.61 1.23 -2.98
C ASP A 20 13.53 2.22 -3.33
N TYR A 21 13.39 3.24 -2.50
CA TYR A 21 12.43 4.32 -2.74
C TYR A 21 12.58 4.90 -4.17
N GLU A 22 13.82 5.19 -4.57
CA GLU A 22 14.08 5.78 -5.89
C GLU A 22 13.63 4.90 -7.06
N ALA A 23 13.86 3.59 -6.96
CA ALA A 23 13.40 2.64 -7.97
C ALA A 23 11.87 2.70 -8.13
N ARG A 24 11.14 2.69 -7.02
CA ARG A 24 9.68 2.78 -7.04
C ARG A 24 9.21 4.09 -7.68
N ILE A 25 9.88 5.19 -7.31
CA ILE A 25 9.50 6.51 -7.80
C ILE A 25 9.53 6.59 -9.34
N PHE A 26 10.57 6.05 -9.99
CA PHE A 26 10.66 6.00 -11.47
C PHE A 26 9.49 5.32 -12.17
N THR A 27 8.83 4.37 -11.53
CA THR A 27 7.77 3.60 -12.18
C THR A 27 6.55 4.47 -12.55
N PHE A 28 6.34 5.56 -11.80
CA PHE A 28 5.15 6.40 -11.96
C PHE A 28 5.17 7.25 -13.22
N GLY A 29 6.27 7.97 -13.46
CA GLY A 29 6.34 8.97 -14.53
C GLY A 29 5.42 10.12 -14.17
N THR A 30 4.90 10.80 -15.17
CA THR A 30 3.86 11.81 -14.96
C THR A 30 2.60 11.11 -14.45
N TRP A 31 2.17 11.54 -13.27
CA TRP A 31 1.11 10.89 -12.51
C TRP A 31 -0.06 11.87 -12.37
N ILE A 32 -1.18 11.56 -13.02
CA ILE A 32 -2.35 12.49 -13.05
C ILE A 32 -3.33 12.28 -11.89
N TYR A 33 -3.16 11.18 -11.17
CA TYR A 33 -4.15 10.74 -10.19
C TYR A 33 -4.14 11.53 -8.87
N SER A 34 -5.29 11.48 -8.19
CA SER A 34 -5.55 12.23 -6.95
C SER A 34 -4.56 11.86 -5.83
N VAL A 35 -4.17 10.59 -5.81
CA VAL A 35 -3.21 10.09 -4.85
C VAL A 35 -1.76 10.49 -5.20
N ASN A 36 -1.05 10.94 -4.18
CA ASN A 36 0.31 11.47 -4.26
C ASN A 36 1.36 10.35 -4.47
N LYS A 37 2.16 10.46 -5.53
CA LYS A 37 3.12 9.41 -5.90
C LYS A 37 4.28 9.22 -4.92
N GLU A 38 4.78 10.31 -4.33
CA GLU A 38 5.82 10.18 -3.30
C GLU A 38 5.28 9.48 -2.04
N GLN A 39 4.09 9.86 -1.61
CA GLN A 39 3.33 9.20 -0.54
C GLN A 39 3.19 7.70 -0.82
N LEU A 40 2.83 7.36 -2.06
CA LEU A 40 2.71 5.96 -2.50
C LEU A 40 4.03 5.22 -2.44
N ALA A 41 5.09 5.83 -2.96
CA ALA A 41 6.39 5.19 -2.97
C ALA A 41 6.86 4.95 -1.55
N ARG A 42 6.63 5.93 -0.66
CA ARG A 42 6.92 5.82 0.78
C ARG A 42 6.20 4.66 1.46
N ALA A 43 4.94 4.44 1.08
CA ALA A 43 4.13 3.34 1.59
C ALA A 43 4.46 1.98 0.93
N GLY A 44 5.52 1.96 0.11
CA GLY A 44 6.08 0.74 -0.46
C GLY A 44 5.56 0.40 -1.85
N PHE A 45 4.77 1.31 -2.42
CA PHE A 45 4.11 1.05 -3.70
C PHE A 45 4.89 1.54 -4.91
N TYR A 46 4.83 0.77 -5.99
CA TYR A 46 5.34 1.19 -7.31
C TYR A 46 4.19 1.02 -8.30
N ALA A 47 4.21 1.83 -9.37
CA ALA A 47 3.17 1.80 -10.42
C ALA A 47 3.35 0.68 -11.45
N LEU A 48 2.22 0.13 -11.89
CA LEU A 48 2.23 -0.89 -12.95
C LEU A 48 2.09 -0.32 -14.37
N GLY A 49 1.72 0.96 -14.47
CA GLY A 49 1.49 1.62 -15.75
C GLY A 49 0.12 1.33 -16.33
N GLU A 50 -0.82 0.91 -15.49
CA GLU A 50 -2.18 0.60 -15.91
C GLU A 50 -3.16 1.33 -14.99
N GLY A 51 -3.66 2.47 -15.46
CA GLY A 51 -4.39 3.40 -14.60
C GLY A 51 -3.61 3.71 -13.32
N ASP A 52 -4.31 3.76 -12.19
CA ASP A 52 -3.65 3.97 -10.90
C ASP A 52 -3.34 2.66 -10.13
N LYS A 53 -3.18 1.56 -10.85
CA LYS A 53 -2.79 0.26 -10.24
C LYS A 53 -1.38 0.32 -9.69
N VAL A 54 -1.25 0.03 -8.39
CA VAL A 54 0.07 -0.10 -7.74
C VAL A 54 0.23 -1.47 -7.06
N LYS A 55 1.47 -1.85 -6.81
CA LYS A 55 1.81 -3.06 -6.03
C LYS A 55 2.85 -2.70 -4.99
N CYS A 56 2.74 -3.33 -3.82
CA CYS A 56 3.77 -3.23 -2.79
C CYS A 56 4.96 -4.11 -3.16
N PHE A 57 6.17 -3.55 -3.08
CA PHE A 57 7.41 -4.29 -3.38
C PHE A 57 7.61 -5.51 -2.49
N HIS A 58 7.10 -5.42 -1.27
CA HIS A 58 7.33 -6.42 -0.25
C HIS A 58 6.29 -7.52 -0.22
N CYS A 59 5.03 -7.16 0.05
CA CYS A 59 3.92 -8.13 0.12
C CYS A 59 3.37 -8.56 -1.25
N GLY A 60 3.62 -7.77 -2.29
CA GLY A 60 3.09 -8.03 -3.63
C GLY A 60 1.66 -7.53 -3.78
N GLY A 61 1.10 -6.96 -2.72
CA GLY A 61 -0.30 -6.55 -2.68
C GLY A 61 -0.66 -5.44 -3.64
N GLY A 62 -1.70 -5.67 -4.42
CA GLY A 62 -2.14 -4.74 -5.46
C GLY A 62 -3.34 -3.92 -5.04
N LEU A 63 -3.33 -2.65 -5.45
CA LEU A 63 -4.43 -1.72 -5.19
C LEU A 63 -4.72 -0.85 -6.39
N THR A 64 -5.98 -0.43 -6.52
CA THR A 64 -6.46 0.36 -7.64
C THR A 64 -7.57 1.36 -7.26
N ASP A 65 -7.94 2.23 -8.19
CA ASP A 65 -9.10 3.14 -8.06
C ASP A 65 -9.04 4.02 -6.81
N TRP A 66 -7.95 4.78 -6.72
CA TRP A 66 -7.67 5.64 -5.58
C TRP A 66 -8.61 6.85 -5.58
N LYS A 67 -9.51 6.91 -4.59
CA LYS A 67 -10.33 8.08 -4.29
C LYS A 67 -9.44 9.10 -3.57
N PRO A 68 -9.77 10.42 -3.65
CA PRO A 68 -8.97 11.44 -2.92
C PRO A 68 -8.89 11.22 -1.40
N SER A 69 -9.96 10.69 -0.81
CA SER A 69 -10.02 10.35 0.62
C SER A 69 -9.25 9.09 1.10
N GLU A 70 -8.62 8.35 0.17
CA GLU A 70 -7.95 7.08 0.48
C GLU A 70 -6.44 7.27 0.60
N ASP A 71 -5.93 7.02 1.81
CA ASP A 71 -4.51 7.17 2.16
C ASP A 71 -3.69 5.90 1.81
N PRO A 72 -2.52 6.06 1.14
CA PRO A 72 -1.67 4.89 0.83
C PRO A 72 -1.37 3.94 2.02
N TRP A 73 -0.97 4.47 3.16
CA TRP A 73 -0.64 3.60 4.32
C TRP A 73 -1.85 2.87 4.88
N GLU A 74 -2.95 3.60 5.04
CA GLU A 74 -4.22 3.05 5.52
C GLU A 74 -4.75 1.92 4.64
N GLN A 75 -4.70 2.12 3.32
CA GLN A 75 -5.10 1.12 2.35
C GLN A 75 -4.19 -0.12 2.38
N HIS A 76 -2.89 0.14 2.54
CA HIS A 76 -1.88 -0.92 2.69
C HIS A 76 -2.27 -1.80 3.89
N ALA A 77 -2.58 -1.16 5.03
CA ALA A 77 -3.03 -1.86 6.22
C ALA A 77 -4.40 -2.55 6.06
N LYS A 78 -5.33 -1.90 5.37
CA LYS A 78 -6.69 -2.47 5.19
C LYS A 78 -6.64 -3.84 4.48
N TRP A 79 -6.00 -3.86 3.32
CA TRP A 79 -6.02 -4.96 2.41
C TRP A 79 -4.85 -5.93 2.59
N TYR A 80 -3.71 -5.45 3.12
CA TYR A 80 -2.51 -6.28 3.31
C TYR A 80 -1.96 -6.27 4.74
N PRO A 81 -2.78 -6.65 5.73
CA PRO A 81 -2.38 -6.54 7.14
C PRO A 81 -1.19 -7.40 7.56
N GLY A 82 -0.85 -8.45 6.78
CA GLY A 82 0.29 -9.32 7.08
C GLY A 82 1.64 -8.86 6.52
N CYS A 83 1.64 -7.73 5.81
CA CYS A 83 2.85 -7.22 5.18
C CYS A 83 3.93 -6.82 6.17
N LYS A 84 5.09 -7.43 6.07
CA LYS A 84 6.17 -7.16 7.00
C LYS A 84 6.82 -5.79 6.88
N TYR A 85 6.91 -5.29 5.66
CA TYR A 85 7.33 -3.91 5.42
C TYR A 85 6.41 -2.92 6.16
N LEU A 86 5.10 -3.06 5.97
CA LEU A 86 4.10 -2.27 6.70
C LEU A 86 4.31 -2.30 8.22
N LEU A 87 4.46 -3.51 8.78
CA LEU A 87 4.74 -3.68 10.21
C LEU A 87 6.02 -2.97 10.65
N GLU A 88 7.06 -3.03 9.80
CA GLU A 88 8.34 -2.42 10.13
C GLU A 88 8.20 -0.89 10.22
N GLN A 89 7.52 -0.29 9.25
CA GLN A 89 7.49 1.16 9.09
C GLN A 89 6.52 1.85 10.03
N LYS A 90 5.39 1.21 10.30
CA LYS A 90 4.28 1.81 11.03
C LYS A 90 4.09 1.28 12.45
N GLY A 91 4.45 0.01 12.69
CA GLY A 91 4.25 -0.59 14.01
C GLY A 91 2.86 -1.20 14.13
N GLN A 92 2.67 -2.09 15.11
CA GLN A 92 1.38 -2.81 15.27
C GLN A 92 0.30 -1.90 15.90
N GLU A 93 0.69 -0.95 16.76
CA GLU A 93 -0.25 0.03 17.33
C GLU A 93 -0.99 0.87 16.28
N TYR A 94 -0.24 1.39 15.29
CA TYR A 94 -0.82 2.08 14.14
C TYR A 94 -1.73 1.15 13.37
N ILE A 95 -1.25 -0.08 13.15
CA ILE A 95 -1.98 -1.07 12.36
C ILE A 95 -3.34 -1.41 13.02
N ASN A 96 -3.33 -1.61 14.32
CA ASN A 96 -4.58 -1.85 15.05
C ASN A 96 -5.59 -0.70 14.92
N ASN A 97 -5.15 0.55 15.15
CA ASN A 97 -6.02 1.75 14.99
C ASN A 97 -6.70 1.74 13.64
N ILE A 98 -5.91 1.61 12.57
CA ILE A 98 -6.45 1.57 11.20
C ILE A 98 -7.52 0.47 11.08
N HIS A 99 -7.26 -0.70 11.68
CA HIS A 99 -8.16 -1.85 11.57
C HIS A 99 -9.45 -1.58 12.31
N LEU A 100 -9.32 -1.18 13.57
CA LEU A 100 -10.47 -0.73 14.35
C LEU A 100 -11.29 0.37 13.69
N THR A 101 -10.61 1.32 13.03
CA THR A 101 -11.27 2.45 12.35
C THR A 101 -12.15 1.96 11.19
N HIS A 102 -11.58 1.07 10.38
CA HIS A 102 -12.25 0.51 9.21
C HIS A 102 -13.37 -0.43 9.61
N SER A 103 -13.08 -1.31 10.57
CA SER A 103 -14.07 -2.23 11.11
C SER A 103 -15.21 -1.52 11.84
N LEU A 104 -14.95 -0.33 12.41
CA LEU A 104 -16.00 0.55 12.97
C LEU A 104 -16.72 1.36 11.88
N GLU A 105 -16.11 1.49 10.70
CA GLU A 105 -16.83 2.09 9.58
C GLU A 105 -17.89 1.13 9.03
N GLU A 106 -17.60 -0.18 9.09
CA GLU A 106 -18.60 -1.24 8.87
C GLU A 106 -19.86 -1.11 9.74
N CYS A 107 -19.73 -0.52 10.93
CA CYS A 107 -20.86 -0.23 11.82
C CYS A 107 -21.73 0.88 11.24
N LEU A 108 -21.22 2.12 11.24
CA LEU A 108 -22.03 3.30 10.90
C LEU A 108 -22.65 3.35 9.49
N VAL A 109 -22.09 2.56 8.55
CA VAL A 109 -22.70 2.40 7.21
C VAL A 109 -23.93 1.47 7.25
N ARG A 110 -23.77 0.31 7.89
CA ARG A 110 -24.79 -0.73 7.93
C ARG A 110 -25.94 -0.37 8.88
#